data_1NUN
#
_entry.id   1NUN
#
_cell.length_a   113.930
_cell.length_b   113.930
_cell.length_c   164.852
_cell.angle_alpha   90.00
_cell.angle_beta   90.00
_cell.angle_gamma   120.00
#
_symmetry.space_group_name_H-M   'P 64 2 2'
#
loop_
_entity.id
_entity.type
_entity.pdbx_description
1 polymer 'Fibroblast growth factor-10'
2 polymer 'fibroblast growth factor receptor 2 isoform 2'
3 non-polymer 'SULFATE ION'
4 non-polymer 'POLYETHYLENE GLYCOL (N=34)'
5 water water
#
loop_
_entity_poly.entity_id
_entity_poly.type
_entity_poly.pdbx_seq_one_letter_code
_entity_poly.pdbx_strand_id
1 'polypeptide(L)'
;GRHVRSYNHLQGDVRWRKLFSFTKYFLKIEKNGKVSGTKKENCPYSILEITSVEIGVVAVKAINSNYYLAMNKKGKLYGS
KEFNNDCKLKERIEENGYNTYASFNWQHNGRQMYVALNGKGAPRRGQKTRRKNTSAHFLPMVVHS
;
A
2 'polypeptide(L)'
;AEDFVSENSNNKRAPYWTNTEK(MSE)EKRLHAVPAANTVKFRCPAGGNP(MSE)PT(MSE)RWLKNGKEFKQEHRIGGY
KVRNQHWSLI(MSE)ESVVPSDKGNYTCVVENEYGSINHTYHLDVVERSPHRPILQAGLPANASTVVGGDVEFVCKVYSD
AQPHIQWIKHVEKNGSKYGPDGLPYLKVLKHSGINSSNAEVLALFNVTEADAGEYICKVSNYIGQANQSAWLTVLPKQQA
PGREKE
;
B
#
# COMPACT_ATOMS: atom_id res chain seq x y z
N SER A 6 -14.25 1.56 2.49
CA SER A 6 -13.02 1.06 3.11
C SER A 6 -12.21 0.22 2.12
N TYR A 7 -12.89 -0.30 1.09
CA TYR A 7 -12.29 -1.14 0.07
C TYR A 7 -11.36 -0.53 -0.98
N ASN A 8 -11.54 0.75 -1.30
CA ASN A 8 -10.71 1.34 -2.34
C ASN A 8 -9.20 1.16 -2.19
N HIS A 9 -8.74 0.48 -1.14
CA HIS A 9 -7.30 0.27 -1.02
C HIS A 9 -6.91 -0.98 -1.81
N LEU A 10 -7.92 -1.79 -2.17
CA LEU A 10 -7.67 -2.99 -2.95
C LEU A 10 -7.89 -2.67 -4.41
N GLN A 11 -7.83 -1.40 -4.76
CA GLN A 11 -8.11 -1.06 -6.15
C GLN A 11 -7.07 -0.38 -6.98
N GLY A 12 -7.13 -0.69 -8.26
CA GLY A 12 -6.25 -0.09 -9.23
C GLY A 12 -4.96 -0.81 -9.56
N ASP A 13 -4.47 -0.50 -10.76
CA ASP A 13 -3.21 -1.01 -11.26
C ASP A 13 -2.21 -0.02 -10.65
N VAL A 14 -1.89 1.06 -11.36
CA VAL A 14 -0.97 2.04 -10.77
C VAL A 14 -1.66 2.57 -9.52
N ARG A 15 -0.97 2.51 -8.39
CA ARG A 15 -1.56 2.96 -7.13
C ARG A 15 -0.81 4.06 -6.45
N TRP A 16 -1.53 5.08 -6.03
CA TRP A 16 -0.92 6.18 -5.32
C TRP A 16 -1.13 5.88 -3.83
N ARG A 17 -0.04 5.65 -3.12
CA ARG A 17 -0.11 5.32 -1.71
C ARG A 17 0.97 6.02 -0.88
N LYS A 18 0.89 5.82 0.42
CA LYS A 18 1.84 6.40 1.37
C LYS A 18 2.27 5.17 2.17
N LEU A 19 3.54 5.07 2.51
CA LEU A 19 4.01 3.91 3.27
C LEU A 19 4.36 4.23 4.72
N PHE A 20 3.42 3.95 5.61
CA PHE A 20 3.59 4.21 7.04
C PHE A 20 4.33 3.05 7.70
N SER A 21 5.54 3.30 8.17
CA SER A 21 6.37 2.28 8.82
C SER A 21 5.76 1.86 10.15
N PHE A 22 6.18 0.69 10.64
CA PHE A 22 5.68 0.18 11.93
C PHE A 22 6.19 1.16 12.97
N THR A 23 7.32 1.80 12.66
CA THR A 23 7.91 2.79 13.55
C THR A 23 7.20 4.14 13.38
N LYS A 24 5.92 4.09 13.01
CA LYS A 24 5.09 5.28 12.83
C LYS A 24 5.65 6.39 11.92
N TYR A 25 6.42 6.03 10.90
CA TYR A 25 6.98 7.02 9.97
C TYR A 25 6.46 6.83 8.54
N PHE A 26 6.39 7.92 7.80
CA PHE A 26 5.95 7.87 6.40
C PHE A 26 7.22 7.89 5.58
N LEU A 27 7.48 6.83 4.84
CA LEU A 27 8.69 6.80 4.03
C LEU A 27 8.62 7.91 2.98
N LYS A 28 9.65 8.74 2.93
CA LYS A 28 9.70 9.82 1.96
C LYS A 28 11.03 9.86 1.23
N ILE A 29 11.03 10.44 0.03
CA ILE A 29 12.26 10.58 -0.72
C ILE A 29 12.33 12.04 -1.14
N GLU A 30 13.34 12.75 -0.65
CA GLU A 30 13.48 14.16 -0.96
C GLU A 30 14.35 14.48 -2.14
N LYS A 31 14.06 15.62 -2.75
CA LYS A 31 14.76 16.14 -3.94
C LYS A 31 16.26 15.88 -3.97
N ASN A 32 16.91 15.90 -2.81
CA ASN A 32 18.34 15.66 -2.78
C ASN A 32 18.65 14.17 -3.03
N GLY A 33 17.62 13.40 -3.32
CA GLY A 33 17.77 11.97 -3.58
C GLY A 33 17.68 11.08 -2.35
N LYS A 34 18.09 11.62 -1.21
CA LYS A 34 18.10 10.89 0.06
C LYS A 34 16.74 10.34 0.51
N VAL A 35 16.78 9.12 1.05
CA VAL A 35 15.60 8.43 1.55
C VAL A 35 15.53 8.51 3.06
N SER A 36 14.34 8.80 3.60
CA SER A 36 14.13 8.92 5.04
C SER A 36 12.65 8.84 5.37
N GLY A 37 12.33 8.71 6.65
CA GLY A 37 10.93 8.64 7.05
C GLY A 37 10.51 9.85 7.86
N THR A 38 9.51 10.58 7.35
CA THR A 38 8.98 11.75 8.04
C THR A 38 7.86 11.34 8.98
N LYS A 39 7.45 12.26 9.85
CA LYS A 39 6.37 11.97 10.77
C LYS A 39 5.21 12.93 10.49
N LYS A 40 5.42 13.82 9.54
CA LYS A 40 4.40 14.78 9.14
C LYS A 40 3.31 14.04 8.38
N GLU A 41 2.20 14.72 8.10
CA GLU A 41 1.11 14.09 7.38
C GLU A 41 0.89 14.81 6.04
N ASN A 42 1.73 15.80 5.79
CA ASN A 42 1.63 16.59 4.56
C ASN A 42 2.83 16.48 3.64
N CYS A 43 4.01 16.28 4.20
CA CYS A 43 5.23 16.18 3.40
C CYS A 43 4.93 15.44 2.09
N PRO A 44 4.81 16.19 0.98
CA PRO A 44 4.51 15.65 -0.34
C PRO A 44 5.62 14.78 -0.94
N TYR A 45 6.50 14.26 -0.09
CA TYR A 45 7.57 13.40 -0.55
C TYR A 45 7.33 12.00 0.01
N SER A 46 6.13 11.81 0.53
CA SER A 46 5.71 10.54 1.09
C SER A 46 4.61 9.98 0.19
N ILE A 47 4.21 10.77 -0.81
CA ILE A 47 3.18 10.35 -1.76
C ILE A 47 3.85 9.48 -2.82
N LEU A 48 3.92 8.19 -2.54
CA LEU A 48 4.55 7.24 -3.44
C LEU A 48 3.62 6.76 -4.54
N GLU A 49 4.21 6.36 -5.67
CA GLU A 49 3.45 5.83 -6.80
C GLU A 49 3.89 4.39 -7.04
N ILE A 50 3.20 3.45 -6.39
CA ILE A 50 3.53 2.03 -6.49
C ILE A 50 2.98 1.38 -7.75
N THR A 51 3.85 0.71 -8.49
CA THR A 51 3.42 0.02 -9.71
C THR A 51 4.06 -1.36 -9.88
N SER A 52 3.34 -2.26 -10.51
CA SER A 52 3.84 -3.61 -10.71
C SER A 52 4.70 -3.75 -11.95
N VAL A 53 5.92 -4.28 -11.77
CA VAL A 53 6.84 -4.50 -12.88
C VAL A 53 6.71 -5.97 -13.28
N GLU A 54 6.39 -6.80 -12.30
CA GLU A 54 6.20 -8.22 -12.55
C GLU A 54 5.53 -8.86 -11.33
N ILE A 55 4.79 -9.95 -11.55
CA ILE A 55 4.11 -10.62 -10.45
C ILE A 55 4.86 -10.61 -9.14
N GLY A 56 4.34 -9.86 -8.17
CA GLY A 56 4.95 -9.80 -6.85
C GLY A 56 6.08 -8.81 -6.73
N VAL A 57 6.44 -8.17 -7.84
CA VAL A 57 7.53 -7.20 -7.82
C VAL A 57 7.05 -5.83 -8.24
N VAL A 58 7.48 -4.81 -7.51
CA VAL A 58 7.03 -3.45 -7.76
C VAL A 58 8.14 -2.43 -7.85
N ALA A 59 7.72 -1.21 -8.23
CA ALA A 59 8.59 -0.03 -8.35
C ALA A 59 7.89 1.09 -7.55
N VAL A 60 8.47 1.44 -6.41
CA VAL A 60 7.90 2.51 -5.59
C VAL A 60 8.55 3.84 -6.01
N LYS A 61 7.74 4.82 -6.37
CA LYS A 61 8.27 6.10 -6.83
C LYS A 61 7.77 7.29 -6.02
N ALA A 62 8.71 8.14 -5.58
CA ALA A 62 8.36 9.33 -4.82
C ALA A 62 7.81 10.28 -5.89
N ILE A 63 6.50 10.23 -6.04
CA ILE A 63 5.79 11.00 -7.04
C ILE A 63 6.19 12.46 -7.30
N ASN A 64 6.70 13.16 -6.29
CA ASN A 64 7.08 14.55 -6.49
C ASN A 64 8.57 14.82 -6.78
N SER A 65 9.45 14.13 -6.07
CA SER A 65 10.88 14.29 -6.29
C SER A 65 11.36 13.31 -7.38
N ASN A 66 10.44 12.87 -8.25
CA ASN A 66 10.76 11.95 -9.34
C ASN A 66 11.88 10.93 -9.02
N TYR A 67 11.83 10.33 -7.84
CA TYR A 67 12.85 9.36 -7.44
C TYR A 67 12.23 7.99 -7.19
N TYR A 68 12.90 6.95 -7.67
CA TYR A 68 12.40 5.59 -7.42
C TYR A 68 13.08 5.08 -6.17
N LEU A 69 12.29 4.54 -5.24
CA LEU A 69 12.88 3.99 -4.03
C LEU A 69 13.74 2.83 -4.55
N ALA A 70 15.01 2.78 -4.15
CA ALA A 70 15.89 1.72 -4.63
C ALA A 70 16.92 1.25 -3.62
N MET A 71 17.53 0.10 -3.89
CA MET A 71 18.55 -0.46 -3.03
C MET A 71 19.77 -0.94 -3.83
N ASN A 72 20.95 -0.40 -3.51
CA ASN A 72 22.20 -0.78 -4.19
C ASN A 72 22.74 -2.11 -3.67
N LYS A 73 23.44 -2.85 -4.52
CA LYS A 73 24.01 -4.15 -4.14
C LYS A 73 24.67 -4.13 -2.76
N LYS A 74 25.20 -2.98 -2.36
CA LYS A 74 25.84 -2.85 -1.05
C LYS A 74 24.81 -3.10 0.05
N GLY A 75 23.66 -2.43 -0.04
CA GLY A 75 22.61 -2.60 0.96
C GLY A 75 22.11 -1.29 1.56
N LYS A 76 22.22 -0.22 0.77
CA LYS A 76 21.79 1.10 1.22
C LYS A 76 20.65 1.67 0.39
N LEU A 77 19.64 2.22 1.08
CA LEU A 77 18.51 2.82 0.38
C LEU A 77 18.99 4.05 -0.37
N TYR A 78 18.33 4.37 -1.48
CA TYR A 78 18.68 5.52 -2.28
C TYR A 78 17.65 5.63 -3.38
N GLY A 79 17.51 6.82 -3.96
CA GLY A 79 16.53 6.98 -5.02
C GLY A 79 17.09 7.54 -6.31
N SER A 80 17.07 6.73 -7.37
CA SER A 80 17.58 7.16 -8.68
C SER A 80 16.46 7.72 -9.56
N LYS A 81 16.78 8.74 -10.35
CA LYS A 81 15.78 9.33 -11.23
C LYS A 81 15.45 8.35 -12.34
N GLU A 82 16.45 7.57 -12.76
CA GLU A 82 16.24 6.58 -13.81
C GLU A 82 15.95 5.25 -13.12
N PHE A 83 14.99 4.51 -13.66
CA PHE A 83 14.58 3.21 -13.13
C PHE A 83 15.60 2.13 -13.49
N ASN A 84 16.10 1.41 -12.50
CA ASN A 84 17.06 0.33 -12.74
C ASN A 84 16.68 -0.88 -11.88
N ASN A 85 17.52 -1.92 -11.89
CA ASN A 85 17.21 -3.13 -11.11
C ASN A 85 17.41 -3.00 -9.61
N ASP A 86 17.85 -1.83 -9.19
CA ASP A 86 18.03 -1.56 -7.77
C ASP A 86 16.73 -0.96 -7.29
N CYS A 87 15.78 -0.83 -8.22
CA CYS A 87 14.47 -0.27 -7.93
C CYS A 87 13.41 -1.34 -7.77
N LYS A 88 13.67 -2.50 -8.35
CA LYS A 88 12.71 -3.59 -8.26
C LYS A 88 12.62 -4.11 -6.84
N LEU A 89 11.46 -3.90 -6.24
CA LEU A 89 11.21 -4.35 -4.88
C LEU A 89 10.18 -5.47 -4.90
N LYS A 90 10.40 -6.44 -4.02
CA LYS A 90 9.55 -7.60 -3.89
C LYS A 90 8.54 -7.32 -2.75
N GLU A 91 7.29 -7.04 -3.11
CA GLU A 91 6.24 -6.72 -2.12
C GLU A 91 5.54 -7.96 -1.58
N ARG A 92 5.43 -8.02 -0.26
CA ARG A 92 4.80 -9.17 0.38
C ARG A 92 4.03 -8.75 1.62
N ILE A 93 2.94 -9.46 1.94
CA ILE A 93 2.14 -9.15 3.12
C ILE A 93 2.48 -10.10 4.27
N GLU A 94 3.05 -9.55 5.34
CA GLU A 94 3.42 -10.38 6.49
C GLU A 94 2.20 -10.79 7.32
N GLU A 95 2.39 -11.72 8.25
CA GLU A 95 1.26 -12.17 9.06
C GLU A 95 0.75 -11.14 10.05
N ASN A 96 1.26 -9.92 10.00
CA ASN A 96 0.76 -8.91 10.92
C ASN A 96 0.17 -7.72 10.19
N GLY A 97 -0.43 -7.99 9.04
CA GLY A 97 -1.07 -6.93 8.29
C GLY A 97 -0.19 -5.90 7.65
N TYR A 98 1.09 -5.90 8.02
CA TYR A 98 2.06 -4.96 7.45
C TYR A 98 2.74 -5.54 6.21
N ASN A 99 3.27 -4.65 5.36
CA ASN A 99 3.96 -5.05 4.14
C ASN A 99 5.47 -4.97 4.35
N THR A 100 6.22 -5.73 3.54
CA THR A 100 7.68 -5.73 3.55
C THR A 100 8.14 -5.55 2.11
N TYR A 101 9.14 -4.72 1.91
CA TYR A 101 9.65 -4.49 0.57
C TYR A 101 11.09 -4.98 0.51
N ALA A 102 11.30 -6.14 -0.14
CA ALA A 102 12.63 -6.70 -0.26
C ALA A 102 13.23 -6.41 -1.63
N SER A 103 14.56 -6.34 -1.66
CA SER A 103 15.29 -6.11 -2.89
C SER A 103 15.07 -7.33 -3.77
N PHE A 104 14.68 -7.08 -5.01
CA PHE A 104 14.46 -8.20 -5.91
C PHE A 104 15.78 -8.80 -6.36
N ASN A 105 16.82 -7.98 -6.42
CA ASN A 105 18.14 -8.44 -6.87
C ASN A 105 19.13 -8.83 -5.78
N TRP A 106 19.68 -7.81 -5.15
CA TRP A 106 20.69 -7.94 -4.12
C TRP A 106 20.27 -8.67 -2.86
N GLN A 107 21.15 -9.57 -2.40
CA GLN A 107 20.93 -10.35 -1.20
C GLN A 107 22.23 -10.28 -0.39
N HIS A 108 22.39 -11.14 0.60
CA HIS A 108 23.61 -11.14 1.41
C HIS A 108 23.60 -12.25 2.46
N ASN A 109 24.72 -12.92 2.64
CA ASN A 109 24.81 -13.99 3.60
C ASN A 109 23.63 -14.94 3.38
N GLY A 110 23.11 -14.94 2.15
CA GLY A 110 21.99 -15.81 1.83
C GLY A 110 20.62 -15.20 2.13
N ARG A 111 20.51 -14.42 3.22
CA ARG A 111 19.24 -13.81 3.59
C ARG A 111 18.88 -12.72 2.59
N GLN A 112 17.72 -12.12 2.76
CA GLN A 112 17.33 -11.04 1.86
C GLN A 112 17.47 -9.73 2.63
N MET A 113 17.60 -8.64 1.88
CA MET A 113 17.72 -7.31 2.47
C MET A 113 16.38 -6.61 2.30
N TYR A 114 15.90 -5.95 3.36
CA TYR A 114 14.62 -5.25 3.29
C TYR A 114 14.72 -3.74 3.42
N VAL A 115 13.80 -3.05 2.77
CA VAL A 115 13.75 -1.60 2.89
C VAL A 115 13.29 -1.41 4.35
N ALA A 116 13.96 -0.54 5.10
CA ALA A 116 13.54 -0.35 6.49
C ALA A 116 13.99 0.98 7.14
N LEU A 117 13.19 1.42 8.11
CA LEU A 117 13.45 2.64 8.86
C LEU A 117 13.60 2.21 10.30
N ASN A 118 14.48 2.89 11.02
CA ASN A 118 14.73 2.56 12.42
C ASN A 118 13.82 3.31 13.39
N GLY A 119 14.30 3.46 14.62
CA GLY A 119 13.54 4.15 15.65
C GLY A 119 13.23 5.59 15.27
N LYS A 120 14.19 6.24 14.60
CA LYS A 120 13.98 7.62 14.18
C LYS A 120 14.17 7.85 12.68
N GLY A 121 13.13 7.51 11.91
CA GLY A 121 13.12 7.66 10.46
C GLY A 121 14.43 7.52 9.71
N ALA A 122 15.41 6.83 10.30
CA ALA A 122 16.71 6.64 9.67
C ALA A 122 16.76 5.38 8.82
N PRO A 123 17.17 5.52 7.55
CA PRO A 123 17.28 4.41 6.62
C PRO A 123 18.29 3.39 7.12
N ARG A 124 17.80 2.17 7.36
CA ARG A 124 18.60 1.06 7.87
C ARG A 124 19.50 0.51 6.75
N ARG A 125 20.44 -0.34 7.14
CA ARG A 125 21.35 -0.93 6.17
C ARG A 125 20.78 -2.28 5.78
N GLY A 126 20.62 -2.48 4.48
CA GLY A 126 20.08 -3.72 3.96
C GLY A 126 20.58 -4.98 4.65
N GLN A 127 21.90 -5.13 4.68
CA GLN A 127 22.53 -6.30 5.31
C GLN A 127 22.06 -6.52 6.74
N LYS A 128 21.83 -5.43 7.46
CA LYS A 128 21.40 -5.52 8.86
C LYS A 128 19.89 -5.64 9.09
N THR A 129 19.09 -5.55 8.02
CA THR A 129 17.64 -5.68 8.18
C THR A 129 17.19 -7.15 8.19
N ARG A 130 16.01 -7.39 8.76
CA ARG A 130 15.45 -8.74 8.82
C ARG A 130 13.95 -8.72 8.56
N ARG A 131 13.49 -9.63 7.69
CA ARG A 131 12.08 -9.73 7.32
C ARG A 131 11.14 -9.62 8.51
N LYS A 132 11.34 -10.48 9.51
CA LYS A 132 10.47 -10.46 10.68
C LYS A 132 10.65 -9.25 11.61
N ASN A 133 11.77 -8.54 11.51
CA ASN A 133 12.01 -7.38 12.37
C ASN A 133 11.17 -6.14 12.01
N THR A 134 10.32 -5.77 12.94
CA THR A 134 9.40 -4.64 12.83
C THR A 134 9.94 -3.42 12.09
N SER A 135 11.25 -3.31 12.01
CA SER A 135 11.87 -2.18 11.32
C SER A 135 11.47 -2.16 9.84
N ALA A 136 11.20 -3.32 9.25
CA ALA A 136 10.86 -3.41 7.83
C ALA A 136 9.37 -3.56 7.48
N HIS A 137 8.48 -3.27 8.42
CA HIS A 137 7.06 -3.39 8.14
C HIS A 137 6.52 -2.06 7.70
N PHE A 138 5.53 -2.08 6.82
CA PHE A 138 4.94 -0.84 6.33
C PHE A 138 3.46 -0.99 6.01
N LEU A 139 2.67 -0.01 6.44
CA LEU A 139 1.24 -0.01 6.17
C LEU A 139 1.00 0.90 4.97
N PRO A 140 0.73 0.32 3.79
CA PRO A 140 0.49 1.16 2.61
C PRO A 140 -0.82 1.90 2.83
N MET A 141 -0.84 3.19 2.50
CA MET A 141 -2.04 3.98 2.74
C MET A 141 -2.58 4.76 1.55
N VAL A 142 -3.87 4.59 1.30
CA VAL A 142 -4.52 5.24 0.17
C VAL A 142 -4.35 6.75 0.17
N VAL A 143 -4.19 7.30 -1.03
CA VAL A 143 -4.04 8.73 -1.24
C VAL A 143 -4.89 9.02 -2.48
N HIS A 144 -5.74 10.04 -2.41
CA HIS A 144 -6.61 10.34 -3.55
C HIS A 144 -7.18 11.75 -3.56
N LYS B 12 0.01 26.32 41.95
CA LYS B 12 -1.12 25.44 41.52
C LYS B 12 -1.50 25.73 40.07
N ARG B 13 -0.73 25.19 39.13
CA ARG B 13 -0.96 25.41 37.69
C ARG B 13 -2.03 24.50 37.08
N ALA B 14 -2.92 25.09 36.29
CA ALA B 14 -3.96 24.31 35.63
C ALA B 14 -3.23 23.48 34.57
N PRO B 15 -3.76 22.29 34.25
CA PRO B 15 -3.13 21.41 33.26
C PRO B 15 -2.58 22.03 31.97
N TYR B 16 -1.43 21.50 31.55
CA TYR B 16 -0.74 21.91 30.33
C TYR B 16 0.07 20.72 29.80
N TRP B 17 0.37 20.73 28.51
CA TRP B 17 1.12 19.64 27.86
C TRP B 17 2.64 19.62 28.13
N THR B 18 3.22 18.42 28.08
CA THR B 18 4.65 18.24 28.29
C THR B 18 5.35 18.33 26.93
N ASN B 19 5.40 17.22 26.21
CA ASN B 19 6.05 17.19 24.90
C ASN B 19 5.03 17.33 23.78
N THR B 20 4.68 18.57 23.45
CA THR B 20 3.72 18.89 22.40
C THR B 20 4.12 18.33 21.04
N GLU B 21 5.40 18.03 20.89
CA GLU B 21 5.90 17.48 19.64
C GLU B 21 5.20 16.16 19.34
N LYS B 22 5.23 15.27 20.33
CA LYS B 22 4.63 13.95 20.23
C LYS B 22 3.09 13.98 20.28
N GLU B 24 1.46 16.09 17.59
CA GLU B 24 1.15 16.82 16.35
C GLU B 24 0.41 15.90 15.38
N LYS B 25 0.48 14.60 15.63
CA LYS B 25 -0.18 13.61 14.77
C LYS B 25 -1.63 13.38 15.21
N ARG B 26 -2.57 13.82 14.38
CA ARG B 26 -3.98 13.66 14.72
C ARG B 26 -4.52 12.32 14.21
N LEU B 27 -3.95 11.83 13.11
CA LEU B 27 -4.39 10.57 12.51
C LEU B 27 -3.35 9.46 12.68
N HIS B 28 -3.82 8.27 13.04
CA HIS B 28 -2.94 7.12 13.23
C HIS B 28 -3.63 5.86 12.68
N ALA B 29 -2.89 5.04 11.93
CA ALA B 29 -3.46 3.83 11.37
C ALA B 29 -2.63 2.60 11.70
N VAL B 30 -3.30 1.44 11.75
CA VAL B 30 -2.63 0.18 12.04
C VAL B 30 -3.43 -0.97 11.47
N PRO B 31 -2.74 -2.05 11.07
CA PRO B 31 -3.48 -3.19 10.52
C PRO B 31 -4.07 -3.88 11.73
N ALA B 32 -5.14 -4.64 11.56
CA ALA B 32 -5.78 -5.32 12.68
C ALA B 32 -4.80 -6.16 13.47
N ALA B 33 -5.27 -6.69 14.60
CA ALA B 33 -4.49 -7.55 15.47
C ALA B 33 -3.20 -6.97 16.03
N ASN B 34 -2.95 -5.69 15.76
CA ASN B 34 -1.75 -5.06 16.28
C ASN B 34 -2.09 -4.28 17.55
N THR B 35 -1.12 -3.60 18.12
CA THR B 35 -1.36 -2.85 19.33
C THR B 35 -1.26 -1.35 19.13
N VAL B 36 -2.15 -0.61 19.80
CA VAL B 36 -2.14 0.84 19.70
C VAL B 36 -1.89 1.45 21.08
N LYS B 37 -1.07 2.48 21.12
CA LYS B 37 -0.75 3.18 22.37
C LYS B 37 -0.97 4.66 22.08
N PHE B 38 -1.92 5.26 22.79
CA PHE B 38 -2.20 6.68 22.64
C PHE B 38 -1.67 7.42 23.87
N ARG B 39 -1.11 8.61 23.66
CA ARG B 39 -0.54 9.37 24.76
C ARG B 39 -0.83 10.87 24.72
N CYS B 40 -0.82 11.48 25.90
CA CYS B 40 -1.05 12.92 26.06
C CYS B 40 -0.24 13.38 27.26
N PRO B 41 1.09 13.32 27.16
CA PRO B 41 1.99 13.72 28.24
C PRO B 41 1.56 15.08 28.82
N ALA B 42 1.09 15.05 30.06
CA ALA B 42 0.63 16.29 30.67
C ALA B 42 1.22 16.57 32.04
N GLY B 43 1.13 17.84 32.43
CA GLY B 43 1.61 18.28 33.72
C GLY B 43 0.66 19.35 34.22
N GLY B 44 0.79 19.69 35.50
CA GLY B 44 -0.08 20.69 36.08
C GLY B 44 -0.20 20.45 37.57
N ASN B 45 -0.34 21.52 38.34
CA ASN B 45 -0.46 21.37 39.77
C ASN B 45 -1.80 21.84 40.32
N PRO B 46 -2.48 20.96 41.07
CA PRO B 46 -1.96 19.61 41.35
C PRO B 46 -2.11 18.63 40.18
N PRO B 48 -2.93 16.69 37.36
CA PRO B 48 -4.20 16.60 36.62
C PRO B 48 -4.56 15.15 36.33
N THR B 49 -5.86 14.84 36.30
CA THR B 49 -6.29 13.49 36.00
C THR B 49 -6.54 13.38 34.51
N ARG B 51 -8.72 11.33 31.39
CA ARG B 51 -9.92 10.59 31.08
C ARG B 51 -9.96 10.34 29.56
N TRP B 52 -10.49 9.18 29.13
CA TRP B 52 -10.59 8.88 27.70
C TRP B 52 -12.01 8.72 27.21
N LEU B 53 -12.30 9.36 26.08
CA LEU B 53 -13.61 9.30 25.44
C LEU B 53 -13.46 8.66 24.07
N LYS B 54 -14.45 7.89 23.67
CA LYS B 54 -14.43 7.25 22.36
C LYS B 54 -15.62 7.84 21.63
N ASN B 55 -15.35 8.62 20.59
CA ASN B 55 -16.43 9.24 19.82
C ASN B 55 -17.41 9.98 20.72
N GLY B 56 -16.88 10.87 21.56
CA GLY B 56 -17.72 11.64 22.44
C GLY B 56 -18.09 10.90 23.72
N LYS B 57 -18.59 9.67 23.59
CA LYS B 57 -18.99 8.92 24.76
C LYS B 57 -17.83 8.53 25.65
N GLU B 58 -18.12 8.41 26.94
CA GLU B 58 -17.10 8.01 27.91
C GLU B 58 -16.56 6.65 27.46
N PHE B 59 -15.26 6.43 27.62
CA PHE B 59 -14.64 5.17 27.21
C PHE B 59 -14.42 4.20 28.38
N LYS B 60 -15.34 3.27 28.57
CA LYS B 60 -15.22 2.32 29.67
C LYS B 60 -14.58 0.98 29.27
N GLN B 61 -13.98 0.30 30.26
CA GLN B 61 -13.34 -0.99 30.06
C GLN B 61 -14.27 -2.02 29.43
N GLU B 62 -15.55 -1.95 29.78
CA GLU B 62 -16.51 -2.90 29.24
C GLU B 62 -16.92 -2.58 27.80
N HIS B 63 -16.25 -1.62 27.18
CA HIS B 63 -16.59 -1.22 25.81
C HIS B 63 -15.95 -2.07 24.72
N ARG B 64 -14.65 -2.34 24.83
CA ARG B 64 -14.00 -3.18 23.83
C ARG B 64 -13.52 -4.47 24.51
N ILE B 65 -13.73 -5.62 23.87
CA ILE B 65 -13.28 -6.90 24.42
C ILE B 65 -11.86 -6.80 25.01
N GLY B 66 -11.71 -7.25 26.27
CA GLY B 66 -10.42 -7.21 26.93
C GLY B 66 -10.05 -5.83 27.45
N GLY B 67 -11.00 -4.89 27.40
CA GLY B 67 -10.77 -3.54 27.87
C GLY B 67 -9.50 -2.92 27.32
N TYR B 68 -8.82 -2.18 28.17
CA TYR B 68 -7.57 -1.53 27.82
C TYR B 68 -6.82 -1.18 29.09
N LYS B 69 -5.59 -0.68 28.94
CA LYS B 69 -4.81 -0.31 30.11
C LYS B 69 -4.38 1.13 30.00
N VAL B 70 -4.35 1.84 31.12
CA VAL B 70 -3.93 3.24 31.11
C VAL B 70 -2.67 3.42 31.96
N ARG B 71 -1.61 3.90 31.32
CA ARG B 71 -0.34 4.13 32.00
C ARG B 71 -0.35 5.56 32.53
N ASN B 72 -1.04 5.76 33.65
CA ASN B 72 -1.16 7.07 34.31
C ASN B 72 0.20 7.78 34.32
N GLN B 73 1.22 7.04 34.76
CA GLN B 73 2.59 7.55 34.85
C GLN B 73 3.07 8.08 33.50
N HIS B 74 2.50 7.55 32.42
CA HIS B 74 2.88 7.97 31.08
C HIS B 74 1.77 8.69 30.34
N TRP B 75 0.61 8.81 30.97
CA TRP B 75 -0.52 9.47 30.33
C TRP B 75 -0.82 8.76 29.01
N SER B 76 -0.94 7.44 29.08
CA SER B 76 -1.20 6.70 27.85
C SER B 76 -2.37 5.73 27.93
N LEU B 77 -2.95 5.49 26.76
CA LEU B 77 -4.07 4.58 26.58
C LEU B 77 -3.54 3.45 25.71
N ILE B 78 -3.66 2.22 26.17
CA ILE B 78 -3.17 1.09 25.40
C ILE B 78 -4.19 0.03 25.07
N GLU B 80 -4.78 -3.55 23.17
CA GLU B 80 -4.11 -4.73 22.62
C GLU B 80 -4.90 -5.50 21.59
N SER B 81 -4.26 -5.76 20.45
CA SER B 81 -4.87 -6.52 19.36
C SER B 81 -6.17 -5.85 18.91
N VAL B 82 -6.07 -4.59 18.49
CA VAL B 82 -7.24 -3.84 18.06
C VAL B 82 -8.04 -4.64 17.06
N VAL B 83 -9.35 -4.41 17.06
CA VAL B 83 -10.26 -5.07 16.14
C VAL B 83 -10.85 -3.96 15.27
N PRO B 84 -11.61 -4.29 14.23
CA PRO B 84 -12.15 -3.19 13.43
C PRO B 84 -13.12 -2.30 14.20
N SER B 85 -13.88 -2.88 15.13
CA SER B 85 -14.81 -2.08 15.90
C SER B 85 -14.09 -1.05 16.79
N ASP B 86 -12.77 -1.06 16.79
CA ASP B 86 -12.03 -0.09 17.60
C ASP B 86 -11.78 1.18 16.81
N LYS B 87 -12.32 1.23 15.59
CA LYS B 87 -12.18 2.40 14.73
C LYS B 87 -12.89 3.61 15.37
N GLY B 88 -12.32 4.81 15.21
CA GLY B 88 -12.96 5.99 15.77
C GLY B 88 -12.06 7.10 16.28
N ASN B 89 -12.65 8.02 17.04
CA ASN B 89 -11.93 9.15 17.62
C ASN B 89 -11.68 8.91 19.10
N TYR B 90 -10.44 9.11 19.53
CA TYR B 90 -10.14 8.91 20.93
C TYR B 90 -9.67 10.21 21.55
N THR B 91 -10.53 10.75 22.42
CA THR B 91 -10.26 12.00 23.10
C THR B 91 -9.84 11.81 24.54
N CYS B 92 -8.69 12.39 24.87
CA CYS B 92 -8.17 12.31 26.22
C CYS B 92 -8.53 13.63 26.87
N VAL B 93 -8.88 13.58 28.15
CA VAL B 93 -9.24 14.79 28.87
C VAL B 93 -8.40 14.91 30.14
N VAL B 94 -7.46 15.85 30.16
CA VAL B 94 -6.62 16.03 31.34
C VAL B 94 -7.16 17.20 32.14
N GLU B 95 -7.18 17.04 33.46
CA GLU B 95 -7.74 18.08 34.32
C GLU B 95 -7.42 18.05 35.81
N ASN B 96 -7.46 19.23 36.42
CA ASN B 96 -7.29 19.41 37.85
C ASN B 96 -8.37 20.44 38.16
N GLU B 97 -8.69 20.61 39.44
CA GLU B 97 -9.74 21.55 39.84
C GLU B 97 -9.64 22.95 39.20
N TYR B 98 -8.45 23.32 38.73
CA TYR B 98 -8.24 24.64 38.12
C TYR B 98 -8.34 24.71 36.62
N GLY B 99 -8.84 23.65 35.99
CA GLY B 99 -8.95 23.71 34.54
C GLY B 99 -8.80 22.37 33.86
N SER B 100 -8.98 22.36 32.54
CA SER B 100 -8.89 21.12 31.80
C SER B 100 -8.61 21.32 30.31
N ILE B 101 -7.75 20.48 29.76
CA ILE B 101 -7.39 20.53 28.33
C ILE B 101 -7.58 19.13 27.75
N ASN B 102 -7.69 19.05 26.43
CA ASN B 102 -7.88 17.76 25.75
C ASN B 102 -7.22 17.68 24.38
N HIS B 103 -7.32 16.50 23.77
CA HIS B 103 -6.75 16.27 22.47
C HIS B 103 -7.36 14.97 21.96
N THR B 104 -7.57 14.88 20.65
CA THR B 104 -8.18 13.68 20.07
C THR B 104 -7.40 13.09 18.91
N TYR B 105 -7.33 11.76 18.86
CA TYR B 105 -6.64 11.04 17.79
C TYR B 105 -7.64 10.22 17.01
N HIS B 106 -7.46 10.11 15.71
CA HIS B 106 -8.38 9.29 14.94
C HIS B 106 -7.72 7.96 14.54
N LEU B 107 -8.08 6.89 15.24
CA LEU B 107 -7.53 5.56 14.96
C LEU B 107 -8.26 4.87 13.84
N ASP B 108 -7.52 4.44 12.83
CA ASP B 108 -8.12 3.72 11.72
C ASP B 108 -7.54 2.32 11.71
N VAL B 109 -8.40 1.31 11.86
CA VAL B 109 -7.93 -0.07 11.85
C VAL B 109 -8.13 -0.64 10.46
N VAL B 110 -7.05 -1.12 9.87
CA VAL B 110 -7.09 -1.69 8.52
C VAL B 110 -7.15 -3.22 8.52
N GLU B 111 -7.84 -3.79 7.55
CA GLU B 111 -7.92 -5.25 7.44
C GLU B 111 -7.32 -5.71 6.12
N ARG B 112 -6.14 -6.34 6.17
CA ARG B 112 -5.46 -6.80 4.97
C ARG B 112 -6.11 -8.03 4.36
N SER B 113 -6.35 -7.99 3.05
CA SER B 113 -6.96 -9.10 2.31
C SER B 113 -5.93 -9.83 1.44
N PRO B 114 -5.17 -10.77 2.05
CA PRO B 114 -4.14 -11.55 1.36
C PRO B 114 -4.66 -12.73 0.54
N HIS B 115 -5.30 -12.45 -0.60
CA HIS B 115 -5.83 -13.50 -1.45
C HIS B 115 -5.47 -13.21 -2.91
N ARG B 116 -5.75 -14.16 -3.79
CA ARG B 116 -5.47 -13.93 -5.20
C ARG B 116 -6.47 -12.85 -5.57
N PRO B 117 -6.21 -12.13 -6.67
CA PRO B 117 -7.14 -11.07 -7.06
C PRO B 117 -8.51 -11.62 -7.39
N ILE B 118 -9.53 -10.75 -7.37
CA ILE B 118 -10.88 -11.13 -7.76
C ILE B 118 -11.29 -9.97 -8.67
N LEU B 119 -11.86 -10.30 -9.83
CA LEU B 119 -12.26 -9.27 -10.79
C LEU B 119 -13.76 -8.95 -10.73
N GLN B 120 -14.12 -7.72 -11.04
CA GLN B 120 -15.54 -7.38 -11.07
C GLN B 120 -16.15 -8.24 -12.16
N ALA B 121 -17.35 -8.75 -11.93
CA ALA B 121 -17.99 -9.59 -12.94
C ALA B 121 -18.40 -8.75 -14.14
N GLY B 122 -18.67 -9.41 -15.26
CA GLY B 122 -19.09 -8.74 -16.48
C GLY B 122 -18.03 -7.91 -17.20
N LEU B 123 -16.85 -7.80 -16.61
CA LEU B 123 -15.79 -7.03 -17.26
C LEU B 123 -14.54 -7.88 -17.45
N PRO B 124 -13.95 -7.84 -18.66
CA PRO B 124 -14.34 -7.06 -19.84
C PRO B 124 -15.71 -7.45 -20.40
N ALA B 125 -16.31 -6.54 -21.17
CA ALA B 125 -17.61 -6.78 -21.80
C ALA B 125 -17.42 -6.91 -23.31
N ASN B 126 -18.19 -7.78 -23.95
CA ASN B 126 -18.09 -7.95 -25.40
C ASN B 126 -18.29 -6.60 -26.13
N ALA B 127 -17.69 -6.45 -27.32
CA ALA B 127 -17.84 -5.20 -28.07
C ALA B 127 -17.94 -5.41 -29.59
N SER B 128 -18.52 -4.42 -30.26
CA SER B 128 -18.69 -4.47 -31.72
C SER B 128 -18.18 -3.16 -32.28
N THR B 129 -17.67 -3.17 -33.50
CA THR B 129 -17.16 -1.94 -34.09
C THR B 129 -16.97 -2.05 -35.58
N VAL B 130 -17.24 -0.95 -36.28
CA VAL B 130 -17.08 -0.91 -37.74
C VAL B 130 -15.58 -0.94 -37.98
N VAL B 131 -15.13 -1.69 -39.00
CA VAL B 131 -13.70 -1.74 -39.27
C VAL B 131 -13.19 -0.31 -39.26
N GLY B 132 -12.07 -0.07 -38.61
CA GLY B 132 -11.54 1.28 -38.56
C GLY B 132 -11.93 2.04 -37.30
N GLY B 133 -13.04 1.64 -36.67
CA GLY B 133 -13.48 2.30 -35.45
C GLY B 133 -12.54 2.06 -34.27
N ASP B 134 -12.95 2.52 -33.08
CA ASP B 134 -12.16 2.36 -31.86
C ASP B 134 -12.95 1.59 -30.81
N VAL B 135 -12.27 1.08 -29.80
CA VAL B 135 -12.96 0.32 -28.77
C VAL B 135 -12.01 0.06 -27.62
N GLU B 136 -12.55 -0.21 -26.44
CA GLU B 136 -11.73 -0.50 -25.28
C GLU B 136 -12.31 -1.67 -24.50
N PHE B 137 -11.48 -2.28 -23.66
CA PHE B 137 -11.88 -3.41 -22.85
C PHE B 137 -11.45 -3.12 -21.43
N VAL B 138 -12.40 -2.78 -20.57
CA VAL B 138 -12.08 -2.49 -19.19
C VAL B 138 -12.06 -3.77 -18.38
N CYS B 139 -11.47 -3.69 -17.21
CA CYS B 139 -11.39 -4.85 -16.35
C CYS B 139 -11.00 -4.36 -14.97
N LYS B 140 -11.99 -4.25 -14.09
CA LYS B 140 -11.77 -3.76 -12.74
C LYS B 140 -11.18 -4.90 -11.92
N VAL B 141 -10.24 -4.53 -11.04
CA VAL B 141 -9.50 -5.49 -10.20
C VAL B 141 -9.53 -5.24 -8.69
N TYR B 142 -9.62 -6.29 -7.90
CA TYR B 142 -9.58 -6.15 -6.45
C TYR B 142 -8.43 -6.97 -5.94
N SER B 143 -7.46 -6.32 -5.32
CA SER B 143 -6.31 -7.04 -4.82
C SER B 143 -5.58 -6.16 -3.82
N ASP B 144 -5.34 -6.69 -2.63
CA ASP B 144 -4.61 -5.93 -1.63
C ASP B 144 -3.17 -5.88 -2.09
N ALA B 145 -2.56 -7.05 -2.21
CA ALA B 145 -1.18 -7.19 -2.69
C ALA B 145 -1.15 -6.70 -4.14
N GLN B 146 -0.13 -5.92 -4.46
CA GLN B 146 0.00 -5.36 -5.80
C GLN B 146 -0.33 -6.37 -6.90
N PRO B 147 -1.28 -6.03 -7.79
CA PRO B 147 -1.67 -6.92 -8.87
C PRO B 147 -0.94 -6.60 -10.16
N HIS B 148 -0.66 -7.64 -10.92
CA HIS B 148 0.00 -7.53 -12.21
C HIS B 148 -1.06 -7.93 -13.22
N ILE B 149 -1.44 -6.99 -14.08
CA ILE B 149 -2.48 -7.15 -15.12
C ILE B 149 -1.84 -7.45 -16.47
N GLN B 150 -2.41 -8.36 -17.24
CA GLN B 150 -1.89 -8.62 -18.56
C GLN B 150 -2.98 -9.08 -19.51
N TRP B 151 -3.13 -8.36 -20.62
CA TRP B 151 -4.14 -8.68 -21.64
C TRP B 151 -3.59 -9.67 -22.66
N ILE B 152 -4.01 -10.93 -22.55
CA ILE B 152 -3.55 -11.97 -23.46
C ILE B 152 -4.53 -12.16 -24.61
N LYS B 153 -4.02 -12.51 -25.80
CA LYS B 153 -4.89 -12.80 -26.94
C LYS B 153 -4.30 -13.94 -27.75
N HIS B 154 -5.17 -14.70 -28.41
CA HIS B 154 -4.75 -15.84 -29.22
C HIS B 154 -4.29 -15.36 -30.59
N VAL B 155 -3.08 -15.70 -30.98
CA VAL B 155 -2.55 -15.28 -32.26
C VAL B 155 -1.99 -16.46 -33.03
N GLU B 156 -1.45 -16.17 -34.21
CA GLU B 156 -0.92 -17.19 -35.09
C GLU B 156 0.60 -17.07 -35.35
N LYS B 157 1.26 -18.20 -35.56
CA LYS B 157 2.70 -18.23 -35.83
C LYS B 157 2.97 -19.10 -37.06
N ASN B 158 3.27 -18.46 -38.19
CA ASN B 158 3.57 -19.17 -39.43
C ASN B 158 2.36 -19.94 -39.94
N GLY B 159 1.22 -19.27 -39.97
CA GLY B 159 0.01 -19.90 -40.47
C GLY B 159 -0.58 -20.99 -39.60
N SER B 160 0.13 -21.36 -38.53
CA SER B 160 -0.40 -22.39 -37.64
C SER B 160 -0.89 -21.73 -36.34
N LYS B 161 -2.14 -22.04 -36.01
CA LYS B 161 -2.82 -21.48 -34.85
C LYS B 161 -2.28 -22.09 -33.56
N TYR B 162 -1.68 -23.27 -33.66
CA TYR B 162 -1.15 -23.93 -32.47
C TYR B 162 0.32 -24.30 -32.56
N GLY B 163 0.92 -24.51 -31.38
CA GLY B 163 2.31 -24.90 -31.33
C GLY B 163 2.46 -26.42 -31.34
N PRO B 164 3.69 -26.94 -31.46
CA PRO B 164 3.95 -28.37 -31.48
C PRO B 164 3.47 -29.13 -30.24
N ASP B 165 3.27 -28.42 -29.13
CA ASP B 165 2.79 -29.09 -27.92
C ASP B 165 1.27 -29.15 -27.92
N GLY B 166 0.65 -28.56 -28.94
CA GLY B 166 -0.80 -28.57 -29.03
C GLY B 166 -1.50 -27.46 -28.26
N LEU B 167 -0.73 -26.57 -27.65
CA LEU B 167 -1.28 -25.45 -26.90
C LEU B 167 -1.29 -24.24 -27.84
N PRO B 168 -2.17 -23.26 -27.59
CA PRO B 168 -2.24 -22.07 -28.45
C PRO B 168 -1.08 -21.10 -28.33
N TYR B 169 -0.84 -20.35 -29.38
CA TYR B 169 0.22 -19.35 -29.36
C TYR B 169 -0.45 -18.13 -28.76
N LEU B 170 0.11 -17.60 -27.66
CA LEU B 170 -0.49 -16.43 -27.01
C LEU B 170 0.38 -15.18 -27.15
N LYS B 171 -0.27 -14.03 -27.27
CA LYS B 171 0.47 -12.77 -27.39
C LYS B 171 -0.02 -11.84 -26.27
N VAL B 172 0.91 -11.15 -25.62
CA VAL B 172 0.53 -10.26 -24.52
C VAL B 172 0.41 -8.81 -25.00
N LEU B 173 -0.80 -8.42 -25.36
CA LEU B 173 -1.08 -7.07 -25.85
C LEU B 173 -0.78 -5.90 -24.89
N LYS B 174 -0.72 -6.15 -23.59
CA LYS B 174 -0.45 -5.07 -22.65
C LYS B 174 -0.40 -5.62 -21.24
N HIS B 175 0.59 -5.18 -20.47
CA HIS B 175 0.74 -5.64 -19.12
C HIS B 175 1.05 -4.45 -18.22
N SER B 176 1.09 -4.69 -16.91
CA SER B 176 1.37 -3.65 -15.96
C SER B 176 2.85 -3.34 -15.97
N GLY B 177 3.18 -2.09 -15.68
CA GLY B 177 4.58 -1.71 -15.65
C GLY B 177 4.79 -0.21 -15.61
N ILE B 178 6.02 0.19 -15.91
CA ILE B 178 6.37 1.59 -15.90
C ILE B 178 5.88 2.35 -17.12
N ASN B 179 5.57 1.65 -18.20
CA ASN B 179 5.10 2.34 -19.39
C ASN B 179 3.60 2.46 -19.48
N SER B 180 2.88 1.79 -18.60
CA SER B 180 1.44 1.85 -18.65
C SER B 180 0.89 2.46 -17.39
N SER B 181 0.19 3.58 -17.53
CA SER B 181 -0.38 4.23 -16.36
C SER B 181 -1.70 3.56 -16.00
N ASN B 182 -2.24 2.72 -16.90
CA ASN B 182 -3.49 2.04 -16.63
C ASN B 182 -3.72 0.73 -17.37
N ALA B 183 -3.25 -0.38 -16.81
CA ALA B 183 -3.42 -1.68 -17.43
C ALA B 183 -4.87 -2.21 -17.33
N GLU B 184 -5.69 -1.59 -16.46
CA GLU B 184 -7.09 -2.01 -16.32
C GLU B 184 -7.94 -1.69 -17.54
N VAL B 185 -7.43 -0.85 -18.42
CA VAL B 185 -8.14 -0.51 -19.64
C VAL B 185 -7.24 -0.85 -20.84
N LEU B 186 -7.84 -1.34 -21.91
CA LEU B 186 -7.10 -1.69 -23.11
C LEU B 186 -7.78 -1.06 -24.34
N ALA B 187 -7.22 0.04 -24.84
CA ALA B 187 -7.82 0.69 -26.00
C ALA B 187 -7.29 0.11 -27.30
N LEU B 188 -8.18 -0.10 -28.26
CA LEU B 188 -7.80 -0.62 -29.56
C LEU B 188 -8.21 0.43 -30.58
N PHE B 189 -7.22 1.13 -31.13
CA PHE B 189 -7.49 2.18 -32.11
C PHE B 189 -7.45 1.65 -33.54
N ASN B 190 -8.26 2.22 -34.42
CA ASN B 190 -8.30 1.80 -35.82
C ASN B 190 -8.44 0.29 -35.95
N VAL B 191 -9.48 -0.24 -35.36
CA VAL B 191 -9.69 -1.68 -35.39
C VAL B 191 -9.69 -2.29 -36.80
N THR B 192 -8.70 -3.16 -37.02
CA THR B 192 -8.55 -3.88 -38.26
C THR B 192 -9.40 -5.12 -38.05
N GLU B 193 -9.89 -5.68 -39.15
CA GLU B 193 -10.73 -6.87 -39.08
C GLU B 193 -10.08 -7.95 -38.20
N ALA B 194 -8.80 -8.19 -38.44
CA ALA B 194 -8.03 -9.18 -37.69
C ALA B 194 -8.08 -8.98 -36.18
N ASP B 195 -8.54 -7.81 -35.73
CA ASP B 195 -8.64 -7.53 -34.30
C ASP B 195 -9.77 -8.30 -33.63
N ALA B 196 -10.69 -8.82 -34.44
CA ALA B 196 -11.80 -9.58 -33.91
C ALA B 196 -11.21 -10.79 -33.19
N GLY B 197 -11.94 -11.26 -32.18
CA GLY B 197 -11.47 -12.40 -31.42
C GLY B 197 -11.67 -12.18 -29.94
N GLU B 198 -11.15 -13.11 -29.15
CA GLU B 198 -11.27 -13.06 -27.70
C GLU B 198 -10.11 -12.30 -27.07
N TYR B 199 -10.40 -11.40 -26.14
CA TYR B 199 -9.35 -10.66 -25.45
C TYR B 199 -9.43 -11.07 -23.98
N ILE B 200 -8.42 -11.82 -23.52
CA ILE B 200 -8.37 -12.27 -22.15
C ILE B 200 -7.73 -11.24 -21.25
N CYS B 201 -8.24 -11.14 -20.04
CA CYS B 201 -7.69 -10.21 -19.07
C CYS B 201 -7.30 -11.10 -17.90
N LYS B 202 -6.01 -11.16 -17.59
CA LYS B 202 -5.53 -12.00 -16.51
C LYS B 202 -4.78 -11.18 -15.50
N VAL B 203 -5.28 -11.14 -14.27
CA VAL B 203 -4.67 -10.38 -13.20
C VAL B 203 -4.13 -11.38 -12.23
N SER B 204 -2.93 -11.12 -11.69
CA SER B 204 -2.33 -12.05 -10.75
C SER B 204 -1.41 -11.34 -9.80
N ASN B 205 -1.33 -11.87 -8.58
CA ASN B 205 -0.47 -11.31 -7.55
C ASN B 205 0.32 -12.48 -6.99
N TYR B 206 1.27 -12.23 -6.10
CA TYR B 206 2.09 -13.30 -5.56
C TYR B 206 1.33 -14.44 -4.92
N ILE B 207 0.02 -14.31 -4.76
CA ILE B 207 -0.74 -15.38 -4.15
C ILE B 207 -1.44 -16.24 -5.19
N GLY B 208 -2.07 -15.61 -6.17
CA GLY B 208 -2.77 -16.38 -7.18
C GLY B 208 -3.19 -15.45 -8.30
N GLN B 209 -3.98 -15.97 -9.23
CA GLN B 209 -4.42 -15.16 -10.34
C GLN B 209 -5.88 -15.42 -10.66
N ALA B 210 -6.42 -14.62 -11.57
CA ALA B 210 -7.79 -14.79 -11.98
C ALA B 210 -7.81 -14.36 -13.44
N ASN B 211 -8.88 -14.66 -14.17
CA ASN B 211 -8.90 -14.23 -15.57
C ASN B 211 -10.28 -14.32 -16.21
N GLN B 212 -10.68 -13.28 -16.93
CA GLN B 212 -11.97 -13.29 -17.59
C GLN B 212 -11.78 -12.67 -18.96
N SER B 213 -12.64 -13.05 -19.90
CA SER B 213 -12.55 -12.52 -21.25
C SER B 213 -13.82 -11.87 -21.79
N ALA B 214 -13.67 -11.28 -22.98
CA ALA B 214 -14.76 -10.62 -23.68
C ALA B 214 -14.47 -10.85 -25.16
N TRP B 215 -15.37 -10.41 -26.03
CA TRP B 215 -15.18 -10.59 -27.46
C TRP B 215 -15.26 -9.31 -28.23
N LEU B 216 -14.49 -9.24 -29.31
CA LEU B 216 -14.53 -8.07 -30.18
C LEU B 216 -15.01 -8.55 -31.53
N THR B 217 -16.06 -7.92 -32.04
CA THR B 217 -16.58 -8.27 -33.35
C THR B 217 -16.41 -7.04 -34.22
N VAL B 218 -15.78 -7.23 -35.38
CA VAL B 218 -15.57 -6.12 -36.28
C VAL B 218 -16.49 -6.26 -37.49
N LEU B 219 -17.48 -5.38 -37.56
CA LEU B 219 -18.45 -5.37 -38.64
C LEU B 219 -17.76 -4.92 -39.92
N PRO B 220 -17.89 -5.73 -40.97
CA PRO B 220 -17.27 -5.41 -42.25
C PRO B 220 -18.06 -4.30 -42.96
#